data_4TIM
#
_entry.id   4TIM
#
_cell.length_a   112.590
_cell.length_b   97.290
_cell.length_c   46.700
_cell.angle_alpha   90.00
_cell.angle_beta   90.00
_cell.angle_gamma   90.00
#
_symmetry.space_group_name_H-M   'P 21 21 21'
#
loop_
_entity.id
_entity.type
_entity.pdbx_description
1 polymer 'TRIOSEPHOSPHATE ISOMERASE'
2 non-polymer '2-PHOSPHOGLYCERIC ACID'
3 water water
#
_entity_poly.entity_id   1
_entity_poly.type   'polypeptide(L)'
_entity_poly.pdbx_seq_one_letter_code
;MSKPQPIAAANWKCNGSQQSLSELIDLFNSTSINHDVQCVVASTFVHLAMTKERLSHPKFVIAAQNAIAKSGAFTGEVSL
PILKDFGVNWIVLGHSERRAYYGETNEIVADKVAAAVASGFMVIACIGETLQERESGRTAVVVLTQIAAIAKKLKKADWA
KVVIAYEPVWAIGTGKVATPQQAQEAHALIRSWVSSKIGADVAGELRILYGGSVNGKNARTLYQQRDVNGFLVGGASLKP
EFVDIIKATQ
;
_entity_poly.pdbx_strand_id   A,B
#
# COMPACT_ATOMS: atom_id res chain seq x y z
N SER A 2 3.71 -35.72 15.49
CA SER A 2 4.19 -34.51 16.17
C SER A 2 4.52 -33.28 15.30
N LYS A 3 3.80 -32.20 15.60
CA LYS A 3 3.83 -30.95 14.87
C LYS A 3 4.13 -29.81 15.80
N PRO A 4 4.64 -28.72 15.27
CA PRO A 4 4.88 -27.49 16.03
C PRO A 4 3.53 -26.79 16.28
N GLN A 5 3.51 -25.68 17.04
CA GLN A 5 2.28 -24.93 17.19
C GLN A 5 1.65 -24.57 15.82
N PRO A 6 0.35 -24.84 15.61
CA PRO A 6 -0.25 -24.45 14.34
C PRO A 6 -0.54 -22.95 14.35
N ILE A 7 -0.84 -22.47 13.14
CA ILE A 7 -1.24 -21.13 12.79
C ILE A 7 -2.39 -21.17 11.82
N ALA A 8 -3.38 -20.39 12.21
CA ALA A 8 -4.56 -20.15 11.38
C ALA A 8 -4.55 -18.67 11.13
N ALA A 9 -4.21 -18.37 9.88
CA ALA A 9 -4.09 -16.99 9.43
C ALA A 9 -5.19 -16.53 8.46
N ALA A 10 -5.75 -15.38 8.83
CA ALA A 10 -6.76 -14.72 8.05
C ALA A 10 -6.23 -13.55 7.21
N ASN A 11 -6.29 -13.81 5.93
CA ASN A 11 -5.88 -12.84 4.98
C ASN A 11 -7.12 -12.22 4.42
N TRP A 12 -7.47 -11.11 5.02
CA TRP A 12 -8.60 -10.33 4.55
C TRP A 12 -8.34 -9.73 3.15
N LYS A 13 -7.08 -9.61 2.71
CA LYS A 13 -6.86 -9.04 1.40
C LYS A 13 -7.41 -7.63 1.33
N CYS A 14 -7.91 -7.24 0.16
CA CYS A 14 -8.34 -5.87 -0.05
C CYS A 14 -9.80 -5.82 0.04
N ASN A 15 -10.25 -6.05 1.27
CA ASN A 15 -11.66 -6.08 1.63
C ASN A 15 -11.97 -5.54 3.00
N GLY A 16 -13.26 -5.25 3.13
CA GLY A 16 -13.80 -4.90 4.42
C GLY A 16 -14.25 -3.46 4.59
N SER A 17 -15.15 -3.32 5.55
CA SER A 17 -15.71 -2.06 5.95
C SER A 17 -15.71 -2.13 7.46
N GLN A 18 -15.55 -0.96 8.07
CA GLN A 18 -15.61 -0.83 9.50
C GLN A 18 -16.74 -1.67 10.06
N GLN A 19 -17.88 -1.58 9.39
CA GLN A 19 -19.01 -2.36 9.86
C GLN A 19 -18.80 -3.88 9.91
N SER A 20 -18.69 -4.45 8.72
CA SER A 20 -18.53 -5.87 8.52
C SER A 20 -17.36 -6.44 9.30
N LEU A 21 -16.26 -5.68 9.36
CA LEU A 21 -15.14 -6.16 10.14
C LEU A 21 -15.42 -6.20 11.66
N SER A 22 -16.03 -5.15 12.18
CA SER A 22 -16.34 -5.07 13.58
C SER A 22 -17.19 -6.21 13.96
N GLU A 23 -18.01 -6.62 13.00
CA GLU A 23 -18.84 -7.75 13.34
C GLU A 23 -18.05 -9.06 13.45
N LEU A 24 -17.21 -9.29 12.46
CA LEU A 24 -16.38 -10.51 12.40
C LEU A 24 -15.52 -10.62 13.65
N ILE A 25 -14.91 -9.48 13.98
CA ILE A 25 -14.06 -9.35 15.16
C ILE A 25 -14.82 -9.86 16.41
N ASP A 26 -16.07 -9.40 16.54
CA ASP A 26 -16.86 -9.89 17.65
C ASP A 26 -17.04 -11.41 17.68
N LEU A 27 -17.38 -11.99 16.55
CA LEU A 27 -17.51 -13.42 16.38
C LEU A 27 -16.24 -14.08 16.89
N PHE A 28 -15.14 -13.50 16.48
CA PHE A 28 -13.83 -14.05 16.77
C PHE A 28 -13.54 -14.06 18.27
N ASN A 29 -13.70 -12.89 18.85
CA ASN A 29 -13.50 -12.65 20.26
C ASN A 29 -14.32 -13.60 21.12
N SER A 30 -15.44 -14.03 20.58
CA SER A 30 -16.38 -14.88 21.29
C SER A 30 -15.97 -16.31 21.17
N THR A 31 -15.00 -16.55 20.30
CA THR A 31 -14.58 -17.89 20.00
C THR A 31 -13.80 -18.61 21.08
N SER A 32 -14.22 -19.84 21.29
CA SER A 32 -13.67 -20.62 22.36
C SER A 32 -12.66 -21.59 21.81
N ILE A 33 -11.38 -21.35 22.14
CA ILE A 33 -10.33 -22.17 21.57
C ILE A 33 -9.50 -22.77 22.66
N ASN A 34 -9.48 -24.10 22.72
CA ASN A 34 -8.76 -24.75 23.83
C ASN A 34 -7.38 -25.30 23.55
N HIS A 35 -7.06 -25.44 22.26
CA HIS A 35 -5.72 -25.86 21.93
C HIS A 35 -4.68 -24.77 21.73
N ASP A 36 -3.44 -25.21 21.54
CA ASP A 36 -2.38 -24.25 21.32
C ASP A 36 -2.31 -23.93 19.82
N VAL A 37 -2.84 -22.76 19.46
CA VAL A 37 -2.87 -22.28 18.09
C VAL A 37 -2.61 -20.81 18.00
N GLN A 38 -1.85 -20.43 17.00
CA GLN A 38 -1.65 -18.98 16.86
C GLN A 38 -2.61 -18.49 15.78
N CYS A 39 -3.50 -17.58 16.13
CA CYS A 39 -4.43 -17.06 15.16
C CYS A 39 -3.97 -15.69 14.72
N VAL A 40 -4.07 -15.49 13.43
CA VAL A 40 -3.57 -14.25 12.92
C VAL A 40 -4.54 -13.55 12.01
N VAL A 41 -4.70 -12.24 12.21
CA VAL A 41 -5.61 -11.51 11.36
C VAL A 41 -4.79 -10.48 10.63
N ALA A 42 -4.76 -10.57 9.28
CA ALA A 42 -4.02 -9.63 8.41
C ALA A 42 -5.02 -8.77 7.60
N SER A 43 -5.20 -7.54 8.06
CA SER A 43 -6.21 -6.63 7.50
C SER A 43 -5.54 -5.59 6.56
N THR A 44 -6.31 -4.74 5.90
CA THR A 44 -5.74 -3.62 5.14
C THR A 44 -5.01 -2.67 6.09
N PHE A 45 -4.09 -1.86 5.56
CA PHE A 45 -3.35 -0.95 6.44
C PHE A 45 -4.31 0.00 7.17
N VAL A 46 -5.42 0.36 6.47
CA VAL A 46 -6.38 1.34 6.91
C VAL A 46 -7.11 0.81 8.15
N HIS A 47 -7.40 -0.46 8.14
CA HIS A 47 -8.06 -1.14 9.22
C HIS A 47 -7.19 -1.61 10.41
N LEU A 48 -5.89 -1.41 10.35
CA LEU A 48 -5.02 -1.88 11.43
C LEU A 48 -5.42 -1.35 12.84
N ALA A 49 -5.74 -0.08 12.94
CA ALA A 49 -5.99 0.55 14.19
C ALA A 49 -7.29 0.08 14.87
N MET A 50 -8.32 -0.02 14.06
CA MET A 50 -9.57 -0.59 14.48
C MET A 50 -9.41 -2.06 14.89
N THR A 51 -8.62 -2.82 14.16
CA THR A 51 -8.45 -4.22 14.51
C THR A 51 -7.62 -4.43 15.77
N LYS A 52 -6.65 -3.55 15.98
CA LYS A 52 -5.80 -3.49 17.15
C LYS A 52 -6.71 -3.31 18.37
N GLU A 53 -7.51 -2.23 18.33
CA GLU A 53 -8.41 -1.82 19.40
C GLU A 53 -9.53 -2.82 19.66
N ARG A 54 -10.05 -3.41 18.61
CA ARG A 54 -11.19 -4.26 18.83
C ARG A 54 -10.89 -5.75 19.10
N LEU A 55 -9.72 -6.25 18.68
CA LEU A 55 -9.42 -7.68 18.93
C LEU A 55 -8.90 -7.87 20.34
N SER A 56 -9.64 -8.62 21.12
CA SER A 56 -9.28 -8.78 22.51
C SER A 56 -8.83 -10.23 22.81
N HIS A 57 -9.22 -11.12 21.94
CA HIS A 57 -8.94 -12.51 22.13
C HIS A 57 -7.47 -12.78 22.29
N PRO A 58 -7.12 -13.53 23.32
CA PRO A 58 -5.73 -13.79 23.66
C PRO A 58 -4.94 -14.60 22.64
N LYS A 59 -5.63 -15.38 21.78
CA LYS A 59 -4.99 -16.20 20.76
C LYS A 59 -4.81 -15.55 19.38
N PHE A 60 -5.14 -14.29 19.29
CA PHE A 60 -5.10 -13.63 18.01
C PHE A 60 -4.09 -12.52 18.06
N VAL A 61 -3.20 -12.43 17.04
CA VAL A 61 -2.40 -11.25 16.86
C VAL A 61 -2.86 -10.67 15.54
N ILE A 62 -2.44 -9.41 15.30
CA ILE A 62 -2.66 -8.77 14.01
C ILE A 62 -1.40 -8.71 13.14
N ALA A 63 -1.60 -8.75 11.81
CA ALA A 63 -0.52 -8.68 10.85
C ALA A 63 -0.85 -7.66 9.78
N ALA A 64 0.20 -7.12 9.13
CA ALA A 64 0.02 -6.37 7.88
C ALA A 64 0.08 -7.33 6.67
N GLN A 65 -0.41 -6.88 5.49
CA GLN A 65 -0.45 -7.71 4.23
C GLN A 65 0.72 -7.46 3.31
N ASN A 66 1.60 -6.53 3.71
CA ASN A 66 2.80 -6.16 2.98
C ASN A 66 3.53 -5.00 3.62
N ALA A 67 4.77 -4.78 3.23
CA ALA A 67 5.58 -3.65 3.65
C ALA A 67 6.78 -3.50 2.75
N ILE A 68 7.43 -2.35 2.92
CA ILE A 68 8.69 -2.03 2.32
C ILE A 68 9.68 -1.85 3.47
N ALA A 69 10.93 -2.17 3.17
CA ALA A 69 11.99 -2.14 4.15
C ALA A 69 12.24 -0.79 4.86
N LYS A 70 12.47 0.30 4.16
CA LYS A 70 12.82 1.50 4.88
C LYS A 70 11.83 2.59 4.61
N SER A 71 11.80 3.53 5.52
CA SER A 71 11.01 4.70 5.31
C SER A 71 11.77 5.62 4.38
N GLY A 72 10.98 6.52 3.75
CA GLY A 72 11.42 7.59 2.86
C GLY A 72 10.42 7.91 1.74
N ALA A 73 10.95 8.27 0.57
CA ALA A 73 10.18 8.74 -0.58
C ALA A 73 9.60 7.64 -1.43
N PHE A 74 8.61 7.01 -0.87
CA PHE A 74 7.93 5.92 -1.52
C PHE A 74 6.43 6.14 -1.37
N THR A 75 5.94 7.12 -2.08
CA THR A 75 4.55 7.51 -1.94
C THR A 75 3.63 6.31 -2.13
N GLY A 76 2.67 6.15 -1.17
CA GLY A 76 1.66 5.11 -1.19
C GLY A 76 2.09 3.81 -0.50
N GLU A 77 3.40 3.62 -0.18
CA GLU A 77 3.93 2.41 0.49
C GLU A 77 4.08 2.59 1.97
N VAL A 78 4.16 1.46 2.68
CA VAL A 78 4.27 1.51 4.12
C VAL A 78 5.46 0.70 4.57
N SER A 79 6.25 1.28 5.44
CA SER A 79 7.48 0.59 5.83
C SER A 79 7.47 -0.19 7.12
N LEU A 80 8.45 -1.06 7.26
CA LEU A 80 8.61 -1.86 8.46
C LEU A 80 8.73 -1.04 9.71
N PRO A 81 9.46 0.09 9.69
CA PRO A 81 9.59 0.92 10.87
C PRO A 81 8.26 1.54 11.30
N ILE A 82 7.50 1.91 10.29
CA ILE A 82 6.18 2.45 10.50
C ILE A 82 5.30 1.37 11.15
N LEU A 83 5.32 0.12 10.68
CA LEU A 83 4.45 -0.86 11.33
C LEU A 83 4.93 -1.21 12.75
N LYS A 84 6.24 -1.13 12.93
CA LYS A 84 6.86 -1.41 14.20
C LYS A 84 6.45 -0.38 15.26
N ASP A 85 6.49 0.90 14.92
CA ASP A 85 6.08 1.95 15.84
C ASP A 85 4.60 1.83 16.13
N PHE A 86 3.88 1.46 15.12
CA PHE A 86 2.48 1.30 15.34
C PHE A 86 2.15 0.01 16.12
N GLY A 87 3.11 -0.84 16.43
CA GLY A 87 2.78 -2.03 17.21
C GLY A 87 2.29 -3.25 16.46
N VAL A 88 2.64 -3.41 15.18
CA VAL A 88 2.31 -4.65 14.46
C VAL A 88 3.59 -5.50 14.40
N ASN A 89 3.50 -6.81 14.62
CA ASN A 89 4.69 -7.65 14.66
C ASN A 89 4.62 -8.87 13.77
N TRP A 90 3.54 -9.01 13.03
CA TRP A 90 3.42 -10.11 12.05
C TRP A 90 3.26 -9.51 10.66
N ILE A 91 3.58 -10.26 9.64
CA ILE A 91 3.53 -9.70 8.35
C ILE A 91 3.48 -10.79 7.34
N VAL A 92 2.65 -10.53 6.33
CA VAL A 92 2.63 -11.43 5.21
C VAL A 92 3.49 -10.85 4.13
N LEU A 93 4.34 -11.70 3.58
CA LEU A 93 5.22 -11.26 2.50
C LEU A 93 5.20 -12.20 1.32
N GLY A 94 5.33 -11.60 0.14
CA GLY A 94 5.50 -12.37 -1.08
C GLY A 94 4.28 -13.19 -1.48
N HIS A 95 3.12 -12.66 -1.14
CA HIS A 95 1.89 -13.24 -1.58
C HIS A 95 1.81 -13.36 -3.10
N SER A 96 1.21 -14.46 -3.53
CA SER A 96 1.10 -14.69 -4.96
C SER A 96 0.49 -13.53 -5.77
N GLU A 97 -0.46 -12.85 -5.18
CA GLU A 97 -1.04 -11.69 -5.85
C GLU A 97 0.02 -10.57 -5.96
N ARG A 98 0.95 -10.48 -5.02
CA ARG A 98 1.90 -9.43 -5.16
C ARG A 98 2.92 -9.77 -6.17
N ARG A 99 3.20 -11.06 -6.30
CA ARG A 99 4.17 -11.51 -7.30
C ARG A 99 3.62 -11.38 -8.72
N ALA A 100 2.33 -11.60 -8.86
CA ALA A 100 1.64 -11.57 -10.13
C ALA A 100 1.36 -10.16 -10.62
N TYR A 101 0.96 -9.26 -9.73
CA TYR A 101 0.50 -7.97 -10.20
C TYR A 101 1.41 -6.85 -9.82
N TYR A 102 2.28 -7.07 -8.83
CA TYR A 102 3.07 -5.93 -8.30
C TYR A 102 4.60 -5.96 -8.36
N GLY A 103 5.15 -6.82 -9.21
CA GLY A 103 6.59 -6.77 -9.47
C GLY A 103 7.47 -7.51 -8.51
N GLU A 104 6.84 -8.29 -7.66
CA GLU A 104 7.59 -8.97 -6.61
C GLU A 104 8.29 -10.24 -7.09
N THR A 105 9.59 -10.07 -7.32
CA THR A 105 10.45 -11.15 -7.77
C THR A 105 10.98 -11.90 -6.55
N ASN A 106 11.63 -13.03 -6.78
CA ASN A 106 12.15 -13.78 -5.70
C ASN A 106 13.09 -12.97 -4.86
N GLU A 107 13.75 -12.09 -5.54
CA GLU A 107 14.76 -11.30 -4.87
C GLU A 107 14.18 -10.24 -3.96
N ILE A 108 13.11 -9.63 -4.46
CA ILE A 108 12.45 -8.55 -3.75
C ILE A 108 11.83 -9.07 -2.49
N VAL A 109 11.24 -10.26 -2.62
CA VAL A 109 10.62 -10.96 -1.52
C VAL A 109 11.66 -11.28 -0.44
N ALA A 110 12.73 -11.96 -0.86
CA ALA A 110 13.84 -12.26 0.03
C ALA A 110 14.41 -11.02 0.71
N ASP A 111 14.52 -9.87 0.01
CA ASP A 111 14.99 -8.68 0.68
C ASP A 111 14.06 -8.18 1.80
N LYS A 112 12.79 -8.40 1.56
CA LYS A 112 11.73 -7.97 2.45
C LYS A 112 11.69 -8.81 3.71
N VAL A 113 11.78 -10.10 3.45
CA VAL A 113 11.91 -11.10 4.48
C VAL A 113 13.11 -10.83 5.34
N ALA A 114 14.23 -10.57 4.69
CA ALA A 114 15.40 -10.27 5.46
C ALA A 114 15.22 -9.04 6.31
N ALA A 115 14.70 -7.97 5.74
CA ALA A 115 14.57 -6.78 6.60
C ALA A 115 13.63 -7.00 7.80
N ALA A 116 12.50 -7.62 7.49
CA ALA A 116 11.49 -7.87 8.47
C ALA A 116 12.03 -8.71 9.62
N VAL A 117 12.64 -9.85 9.29
CA VAL A 117 13.30 -10.68 10.31
C VAL A 117 14.27 -9.84 11.14
N ALA A 118 15.11 -9.10 10.46
CA ALA A 118 16.03 -8.22 11.11
C ALA A 118 15.39 -7.27 12.07
N SER A 119 14.18 -6.93 11.74
CA SER A 119 13.53 -5.94 12.54
C SER A 119 12.66 -6.55 13.65
N GLY A 120 12.68 -7.86 13.81
CA GLY A 120 11.82 -8.38 14.89
C GLY A 120 10.46 -8.97 14.52
N PHE A 121 10.11 -8.95 13.26
CA PHE A 121 8.79 -9.43 12.89
C PHE A 121 8.74 -10.93 12.87
N MET A 122 7.55 -11.44 12.98
CA MET A 122 7.27 -12.81 12.62
C MET A 122 6.75 -12.67 11.18
N VAL A 123 7.26 -13.49 10.26
CA VAL A 123 6.96 -13.37 8.86
C VAL A 123 6.29 -14.60 8.33
N ILE A 124 5.20 -14.37 7.61
CA ILE A 124 4.61 -15.45 6.86
C ILE A 124 4.98 -15.22 5.40
N ALA A 125 5.90 -16.05 4.94
CA ALA A 125 6.43 -15.88 3.62
C ALA A 125 5.85 -16.89 2.65
N CYS A 126 5.18 -16.33 1.66
CA CYS A 126 4.48 -17.13 0.68
C CYS A 126 5.33 -17.50 -0.54
N ILE A 127 5.17 -18.75 -0.95
CA ILE A 127 5.77 -19.32 -2.15
C ILE A 127 4.77 -20.25 -2.82
N GLY A 128 5.02 -20.64 -4.09
CA GLY A 128 4.11 -21.60 -4.74
C GLY A 128 4.18 -21.44 -6.25
N GLU A 129 3.90 -22.50 -7.01
CA GLU A 129 4.06 -22.50 -8.47
C GLU A 129 2.73 -22.35 -9.26
N THR A 130 2.83 -21.83 -10.50
CA THR A 130 1.68 -21.57 -11.39
C THR A 130 1.29 -22.82 -12.16
N LEU A 131 0.12 -22.79 -12.79
CA LEU A 131 -0.31 -23.94 -13.59
C LEU A 131 0.78 -24.39 -14.56
N GLN A 132 1.26 -23.40 -15.26
CA GLN A 132 2.22 -23.54 -16.32
C GLN A 132 3.46 -24.20 -15.76
N GLU A 133 3.98 -23.62 -14.68
CA GLU A 133 5.14 -24.21 -14.07
C GLU A 133 4.83 -25.65 -13.68
N ARG A 134 3.64 -25.86 -13.14
CA ARG A 134 3.29 -27.22 -12.75
C ARG A 134 3.27 -28.20 -13.95
N GLU A 135 2.53 -27.82 -15.00
CA GLU A 135 2.28 -28.60 -16.20
C GLU A 135 3.54 -29.07 -16.88
N SER A 136 4.52 -28.21 -16.85
CA SER A 136 5.76 -28.52 -17.50
C SER A 136 6.82 -29.19 -16.57
N GLY A 137 6.34 -29.76 -15.46
CA GLY A 137 7.14 -30.51 -14.51
C GLY A 137 8.18 -29.72 -13.76
N ARG A 138 7.88 -28.41 -13.54
CA ARG A 138 8.78 -27.47 -12.85
C ARG A 138 8.46 -27.11 -11.39
N THR A 139 7.50 -27.84 -10.78
CA THR A 139 7.09 -27.62 -9.41
C THR A 139 8.25 -27.47 -8.46
N ALA A 140 9.08 -28.53 -8.47
CA ALA A 140 10.27 -28.61 -7.65
C ALA A 140 11.20 -27.44 -7.90
N VAL A 141 11.49 -27.22 -9.17
CA VAL A 141 12.43 -26.18 -9.54
C VAL A 141 12.00 -24.82 -9.03
N VAL A 142 10.73 -24.55 -9.25
CA VAL A 142 10.19 -23.29 -8.82
C VAL A 142 10.21 -23.16 -7.31
N VAL A 143 9.53 -24.11 -6.63
CA VAL A 143 9.42 -23.97 -5.18
C VAL A 143 10.76 -23.84 -4.44
N LEU A 144 11.70 -24.69 -4.82
CA LEU A 144 13.01 -24.69 -4.17
C LEU A 144 13.79 -23.46 -4.46
N THR A 145 13.57 -22.90 -5.66
CA THR A 145 14.22 -21.65 -5.97
C THR A 145 13.66 -20.50 -5.15
N GLN A 146 12.34 -20.56 -4.98
CA GLN A 146 11.69 -19.55 -4.19
C GLN A 146 12.17 -19.55 -2.76
N ILE A 147 12.27 -20.75 -2.17
CA ILE A 147 12.73 -20.93 -0.79
C ILE A 147 14.22 -20.64 -0.66
N ALA A 148 14.93 -20.95 -1.72
CA ALA A 148 16.36 -20.70 -1.64
C ALA A 148 16.72 -19.25 -1.64
N ALA A 149 16.03 -18.50 -2.46
CA ALA A 149 16.29 -17.08 -2.43
C ALA A 149 16.05 -16.45 -1.06
N ILE A 150 15.08 -16.96 -0.34
CA ILE A 150 14.83 -16.42 0.98
C ILE A 150 15.99 -16.84 1.87
N ALA A 151 16.28 -18.13 1.82
CA ALA A 151 17.31 -18.71 2.67
C ALA A 151 18.65 -18.02 2.63
N LYS A 152 19.05 -17.61 1.43
CA LYS A 152 20.38 -17.06 1.31
C LYS A 152 20.60 -15.84 2.16
N LYS A 153 19.49 -15.26 2.59
CA LYS A 153 19.55 -13.98 3.26
C LYS A 153 19.43 -14.08 4.76
N LEU A 154 19.10 -15.29 5.20
CA LEU A 154 18.91 -15.56 6.59
C LEU A 154 20.05 -16.37 7.16
N LYS A 155 20.25 -16.22 8.47
CA LYS A 155 21.11 -17.09 9.27
C LYS A 155 20.17 -18.09 9.88
N LYS A 156 20.74 -19.15 10.46
CA LYS A 156 20.03 -20.22 11.14
C LYS A 156 19.10 -19.68 12.20
N ALA A 157 19.65 -18.81 13.04
CA ALA A 157 18.89 -18.21 14.12
C ALA A 157 17.64 -17.56 13.58
N ASP A 158 17.75 -16.89 12.43
CA ASP A 158 16.61 -16.21 11.84
C ASP A 158 15.37 -17.06 11.63
N TRP A 159 15.55 -18.33 11.28
CA TRP A 159 14.44 -19.24 11.03
C TRP A 159 13.34 -19.33 12.06
N ALA A 160 13.64 -18.93 13.28
CA ALA A 160 12.63 -18.96 14.35
C ALA A 160 11.49 -17.94 14.13
N LYS A 161 11.73 -16.96 13.27
CA LYS A 161 10.79 -15.91 13.03
C LYS A 161 10.06 -16.16 11.74
N VAL A 162 10.42 -17.24 11.07
CA VAL A 162 9.85 -17.50 9.77
C VAL A 162 8.76 -18.57 9.71
N VAL A 163 7.68 -18.23 9.03
CA VAL A 163 6.66 -19.15 8.62
C VAL A 163 6.60 -19.16 7.10
N ILE A 164 6.40 -20.35 6.57
CA ILE A 164 6.25 -20.56 5.17
C ILE A 164 4.82 -20.91 4.84
N ALA A 165 4.26 -20.26 3.82
CA ALA A 165 2.93 -20.61 3.38
C ALA A 165 2.97 -20.98 1.93
N TYR A 166 2.69 -22.24 1.67
CA TYR A 166 2.73 -22.77 0.31
C TYR A 166 1.45 -22.46 -0.39
N GLU A 167 1.51 -21.75 -1.52
CA GLU A 167 0.31 -21.49 -2.31
C GLU A 167 0.26 -22.28 -3.61
N PRO A 168 -0.75 -23.10 -3.80
CA PRO A 168 -0.94 -23.82 -5.07
C PRO A 168 -1.53 -22.87 -6.14
N VAL A 169 -0.69 -21.98 -6.68
CA VAL A 169 -1.19 -20.97 -7.60
C VAL A 169 -1.84 -21.61 -8.80
N TRP A 170 -1.39 -22.83 -9.14
CA TRP A 170 -1.93 -23.59 -10.23
C TRP A 170 -3.40 -23.92 -10.06
N ALA A 171 -3.85 -23.74 -8.84
CA ALA A 171 -5.20 -24.15 -8.47
C ALA A 171 -6.06 -23.00 -7.99
N ILE A 172 -5.55 -21.80 -8.17
CA ILE A 172 -6.33 -20.66 -7.79
C ILE A 172 -6.80 -19.97 -9.05
N GLY A 173 -8.11 -20.03 -9.36
CA GLY A 173 -8.68 -19.35 -10.51
C GLY A 173 -8.54 -20.11 -11.83
N THR A 174 -8.09 -21.38 -11.77
CA THR A 174 -7.76 -22.10 -12.98
C THR A 174 -8.76 -23.12 -13.42
N GLY A 175 -9.53 -23.61 -12.48
CA GLY A 175 -10.45 -24.67 -12.82
C GLY A 175 -10.08 -25.98 -12.16
N LYS A 176 -8.79 -26.07 -11.78
CA LYS A 176 -8.18 -27.22 -11.11
C LYS A 176 -8.55 -27.39 -9.62
N VAL A 177 -8.29 -28.60 -9.11
CA VAL A 177 -8.54 -28.94 -7.72
C VAL A 177 -7.29 -29.53 -7.07
N ALA A 178 -6.86 -28.95 -5.99
CA ALA A 178 -5.82 -29.60 -5.24
C ALA A 178 -6.47 -30.58 -4.25
N THR A 179 -5.95 -31.81 -4.16
CA THR A 179 -6.35 -32.81 -3.17
C THR A 179 -5.39 -32.65 -2.00
N PRO A 180 -5.73 -33.25 -0.89
CA PRO A 180 -4.84 -33.20 0.26
C PRO A 180 -3.49 -33.80 -0.04
N GLN A 181 -3.46 -34.85 -0.87
CA GLN A 181 -2.20 -35.47 -1.29
C GLN A 181 -1.21 -34.53 -1.98
N GLN A 182 -1.75 -33.75 -2.89
CA GLN A 182 -0.88 -32.84 -3.60
C GLN A 182 -0.28 -31.72 -2.72
N ALA A 183 -1.11 -31.27 -1.76
CA ALA A 183 -0.77 -30.24 -0.80
C ALA A 183 0.48 -30.73 -0.05
N GLN A 184 0.31 -31.95 0.45
CA GLN A 184 1.28 -32.64 1.24
C GLN A 184 2.56 -32.92 0.50
N GLU A 185 2.44 -33.29 -0.79
CA GLU A 185 3.69 -33.46 -1.56
C GLU A 185 4.54 -32.21 -1.56
N ALA A 186 3.87 -31.13 -1.89
CA ALA A 186 4.55 -29.88 -1.93
C ALA A 186 5.14 -29.49 -0.57
N HIS A 187 4.39 -29.78 0.49
CA HIS A 187 4.85 -29.43 1.83
C HIS A 187 6.08 -30.19 2.30
N ALA A 188 6.05 -31.46 1.95
CA ALA A 188 7.12 -32.38 2.25
C ALA A 188 8.42 -31.99 1.56
N LEU A 189 8.23 -31.56 0.33
CA LEU A 189 9.32 -31.09 -0.47
C LEU A 189 9.94 -29.85 0.15
N ILE A 190 9.15 -28.98 0.74
CA ILE A 190 9.79 -27.79 1.30
C ILE A 190 10.56 -28.14 2.55
N ARG A 191 9.93 -29.01 3.35
CA ARG A 191 10.55 -29.45 4.59
C ARG A 191 11.91 -30.12 4.38
N SER A 192 11.96 -30.99 3.36
CA SER A 192 13.18 -31.69 2.90
C SER A 192 14.36 -30.75 2.57
N TRP A 193 13.99 -29.64 1.93
CA TRP A 193 14.94 -28.61 1.53
C TRP A 193 15.57 -27.99 2.75
N VAL A 194 14.70 -27.60 3.68
CA VAL A 194 15.12 -26.99 4.92
C VAL A 194 15.97 -27.91 5.77
N SER A 195 15.41 -29.09 5.98
CA SER A 195 15.98 -30.16 6.77
C SER A 195 17.38 -30.39 6.31
N SER A 196 17.47 -30.44 4.96
CA SER A 196 18.67 -30.72 4.23
C SER A 196 19.67 -29.55 4.14
N LYS A 197 19.19 -28.38 3.78
CA LYS A 197 20.05 -27.24 3.61
C LYS A 197 20.32 -26.48 4.89
N ILE A 198 19.37 -26.49 5.81
CA ILE A 198 19.50 -25.70 7.00
C ILE A 198 19.68 -26.48 8.26
N GLY A 199 18.90 -27.54 8.39
CA GLY A 199 18.96 -28.29 9.62
C GLY A 199 17.68 -29.05 9.88
N ALA A 200 17.81 -30.16 10.63
CA ALA A 200 16.66 -30.99 10.97
C ALA A 200 15.88 -30.37 12.10
N ASP A 201 16.60 -29.56 12.85
CA ASP A 201 16.03 -28.91 14.00
C ASP A 201 15.11 -27.81 13.53
N VAL A 202 15.66 -27.01 12.64
CA VAL A 202 14.89 -25.96 12.04
C VAL A 202 13.64 -26.52 11.38
N ALA A 203 13.86 -27.57 10.61
CA ALA A 203 12.82 -28.24 9.84
C ALA A 203 11.67 -28.79 10.66
N GLY A 204 12.01 -29.34 11.82
CA GLY A 204 11.00 -29.95 12.67
C GLY A 204 10.16 -28.88 13.32
N GLU A 205 10.76 -27.70 13.50
CA GLU A 205 10.11 -26.59 14.17
C GLU A 205 9.33 -25.70 13.21
N LEU A 206 9.60 -25.80 11.91
CA LEU A 206 9.04 -24.91 10.90
C LEU A 206 7.58 -25.21 10.63
N ARG A 207 6.77 -24.15 10.65
CA ARG A 207 5.39 -24.18 10.23
C ARG A 207 5.31 -23.92 8.75
N ILE A 208 4.72 -24.86 8.06
CA ILE A 208 4.40 -24.71 6.65
C ILE A 208 2.89 -24.69 6.54
N LEU A 209 2.38 -23.52 6.18
CA LEU A 209 0.95 -23.36 6.08
C LEU A 209 0.43 -23.67 4.68
N TYR A 210 -0.79 -24.21 4.56
CA TYR A 210 -1.34 -24.45 3.24
C TYR A 210 -2.10 -23.20 2.82
N GLY A 211 -1.78 -22.63 1.68
CA GLY A 211 -2.36 -21.35 1.29
C GLY A 211 -3.33 -21.50 0.14
N GLY A 212 -3.81 -22.71 -0.06
CA GLY A 212 -4.75 -22.92 -1.12
C GLY A 212 -6.19 -22.71 -0.66
N SER A 213 -7.15 -23.37 -1.36
CA SER A 213 -8.59 -23.30 -1.07
C SER A 213 -9.05 -24.07 0.15
N VAL A 214 -9.38 -23.32 1.18
CA VAL A 214 -9.78 -23.93 2.44
C VAL A 214 -11.07 -23.35 2.97
N ASN A 215 -11.91 -24.27 3.37
CA ASN A 215 -13.14 -23.90 3.96
C ASN A 215 -13.28 -24.82 5.13
N GLY A 216 -14.32 -24.57 5.90
CA GLY A 216 -14.63 -25.35 7.06
C GLY A 216 -14.87 -26.84 6.81
N LYS A 217 -15.16 -27.22 5.58
CA LYS A 217 -15.45 -28.62 5.31
C LYS A 217 -14.27 -29.47 4.90
N ASN A 218 -13.12 -28.87 4.58
CA ASN A 218 -11.95 -29.65 4.10
C ASN A 218 -10.69 -29.33 4.88
N ALA A 219 -10.81 -28.35 5.77
CA ALA A 219 -9.69 -27.95 6.59
C ALA A 219 -9.18 -29.07 7.53
N ARG A 220 -10.07 -29.96 8.06
CA ARG A 220 -9.65 -31.10 8.89
C ARG A 220 -8.86 -32.13 8.09
N THR A 221 -9.37 -32.49 6.95
CA THR A 221 -8.67 -33.44 6.12
C THR A 221 -7.33 -32.93 5.66
N LEU A 222 -7.21 -31.62 5.52
CA LEU A 222 -5.92 -31.09 5.09
C LEU A 222 -4.91 -31.13 6.23
N TYR A 223 -5.42 -30.81 7.40
CA TYR A 223 -4.64 -30.80 8.63
C TYR A 223 -4.16 -32.19 9.02
N GLN A 224 -4.91 -33.21 8.61
CA GLN A 224 -4.60 -34.59 8.81
C GLN A 224 -3.27 -34.93 8.19
N GLN A 225 -2.88 -34.19 7.16
CA GLN A 225 -1.62 -34.47 6.47
C GLN A 225 -0.37 -34.08 7.28
N ARG A 226 0.65 -34.92 7.19
CA ARG A 226 1.89 -34.82 7.96
C ARG A 226 2.56 -33.46 7.95
N ASP A 227 2.69 -32.86 6.79
CA ASP A 227 3.42 -31.66 6.77
C ASP A 227 2.64 -30.39 6.75
N VAL A 228 1.33 -30.51 7.01
CA VAL A 228 0.45 -29.34 7.18
C VAL A 228 0.40 -28.77 8.60
N ASN A 229 0.76 -27.50 8.72
CA ASN A 229 0.72 -26.90 10.03
C ASN A 229 -0.28 -25.79 10.17
N GLY A 230 -1.36 -25.79 9.43
CA GLY A 230 -2.12 -24.56 9.56
C GLY A 230 -2.43 -24.09 8.17
N PHE A 231 -3.07 -22.92 8.11
CA PHE A 231 -3.55 -22.36 6.86
C PHE A 231 -3.37 -20.86 6.73
N LEU A 232 -3.20 -20.38 5.48
CA LEU A 232 -3.32 -18.95 5.15
C LEU A 232 -4.61 -18.82 4.38
N VAL A 233 -5.60 -18.23 5.05
CA VAL A 233 -6.93 -18.22 4.44
C VAL A 233 -7.36 -16.96 3.67
N GLY A 234 -8.02 -17.23 2.54
CA GLY A 234 -8.51 -16.17 1.70
C GLY A 234 -9.93 -15.73 2.05
N GLY A 235 -10.83 -16.25 1.20
CA GLY A 235 -12.26 -15.97 1.21
C GLY A 235 -12.97 -16.32 2.48
N ALA A 236 -12.76 -17.56 2.92
CA ALA A 236 -13.39 -18.02 4.15
C ALA A 236 -13.00 -17.23 5.36
N SER A 237 -11.94 -16.41 5.25
CA SER A 237 -11.52 -15.60 6.37
C SER A 237 -12.42 -14.42 6.70
N LEU A 238 -13.19 -13.94 5.69
CA LEU A 238 -14.13 -12.81 5.83
C LEU A 238 -15.47 -13.34 6.32
N LYS A 239 -15.50 -14.63 6.66
CA LYS A 239 -16.69 -15.38 7.03
C LYS A 239 -16.62 -16.09 8.40
N PRO A 240 -17.78 -16.47 8.92
CA PRO A 240 -17.83 -17.16 10.19
C PRO A 240 -17.11 -18.49 10.17
N GLU A 241 -17.14 -19.09 9.02
CA GLU A 241 -16.51 -20.38 8.80
C GLU A 241 -15.05 -20.39 9.24
N PHE A 242 -14.43 -19.22 9.33
CA PHE A 242 -13.03 -19.25 9.76
C PHE A 242 -12.89 -19.86 11.14
N VAL A 243 -13.99 -19.82 11.85
CA VAL A 243 -13.99 -20.41 13.16
C VAL A 243 -13.89 -21.93 13.11
N ASP A 244 -14.49 -22.54 12.09
CA ASP A 244 -14.28 -23.96 11.86
C ASP A 244 -12.84 -24.31 11.47
N ILE A 245 -12.20 -23.39 10.76
CA ILE A 245 -10.83 -23.55 10.31
C ILE A 245 -9.85 -23.53 11.49
N ILE A 246 -10.11 -22.57 12.41
CA ILE A 246 -9.33 -22.57 13.62
C ILE A 246 -9.44 -23.91 14.36
N LYS A 247 -10.67 -24.39 14.52
CA LYS A 247 -10.88 -25.66 15.20
C LYS A 247 -10.19 -26.82 14.52
N ALA A 248 -10.05 -26.77 13.21
CA ALA A 248 -9.45 -27.91 12.52
C ALA A 248 -7.97 -28.11 12.80
N THR A 249 -7.38 -27.16 13.50
CA THR A 249 -5.96 -27.31 13.75
C THR A 249 -5.68 -28.07 15.05
N GLN A 250 -6.72 -28.68 15.60
CA GLN A 250 -6.68 -29.40 16.87
C GLN A 250 -5.75 -30.61 16.79
N SER B 2 -8.39 36.49 -8.45
CA SER B 2 -8.51 36.13 -9.86
C SER B 2 -7.93 34.75 -10.16
N LYS B 3 -7.17 34.27 -9.19
CA LYS B 3 -6.69 32.90 -9.22
C LYS B 3 -7.72 32.04 -8.48
N PRO B 4 -7.90 30.76 -8.86
CA PRO B 4 -8.77 29.86 -8.11
C PRO B 4 -8.19 29.67 -6.73
N GLN B 5 -8.92 28.96 -5.89
CA GLN B 5 -8.45 28.78 -4.53
C GLN B 5 -7.25 27.88 -4.54
N PRO B 6 -6.16 28.42 -4.00
CA PRO B 6 -4.97 27.67 -3.85
C PRO B 6 -5.18 26.46 -2.91
N ILE B 7 -4.19 25.59 -2.96
CA ILE B 7 -4.02 24.37 -2.21
C ILE B 7 -2.58 24.22 -1.67
N ALA B 8 -2.37 24.00 -0.38
CA ALA B 8 -1.01 23.67 0.07
C ALA B 8 -1.10 22.23 0.52
N ALA B 9 -0.53 21.32 -0.26
CA ALA B 9 -0.66 19.90 0.08
C ALA B 9 0.62 19.25 0.68
N ALA B 10 0.53 18.66 1.89
CA ALA B 10 1.61 17.96 2.60
C ALA B 10 1.62 16.47 2.23
N ASN B 11 2.65 16.02 1.57
CA ASN B 11 2.71 14.62 1.14
C ASN B 11 3.78 14.04 2.01
N TRP B 12 3.37 13.34 3.05
CA TRP B 12 4.33 12.89 4.01
C TRP B 12 5.02 11.65 3.51
N LYS B 13 4.51 11.10 2.40
CA LYS B 13 5.07 9.92 1.80
C LYS B 13 5.15 8.84 2.85
N CYS B 14 6.18 8.00 2.77
CA CYS B 14 6.37 6.83 3.62
C CYS B 14 7.28 7.16 4.76
N ASN B 15 6.78 7.95 5.64
CA ASN B 15 7.57 8.46 6.71
C ASN B 15 6.71 8.64 7.92
N GLY B 16 7.39 8.82 9.04
CA GLY B 16 6.74 9.24 10.27
C GLY B 16 6.54 8.22 11.35
N SER B 17 6.29 8.79 12.54
CA SER B 17 5.86 8.07 13.74
C SER B 17 4.63 8.74 14.33
N GLN B 18 3.90 7.96 15.12
CA GLN B 18 2.75 8.49 15.80
C GLN B 18 3.08 9.74 16.58
N GLN B 19 4.28 9.74 17.15
CA GLN B 19 4.66 10.86 17.93
C GLN B 19 5.09 12.05 17.12
N SER B 20 5.90 11.79 16.11
CA SER B 20 6.36 12.90 15.34
C SER B 20 5.18 13.55 14.61
N LEU B 21 4.24 12.73 14.11
CA LEU B 21 3.10 13.25 13.37
C LEU B 21 2.17 14.00 14.27
N SER B 22 1.98 13.41 15.44
CA SER B 22 1.23 14.06 16.49
C SER B 22 1.73 15.47 16.74
N GLU B 23 3.04 15.65 16.92
CA GLU B 23 3.56 16.99 17.08
C GLU B 23 3.11 17.91 15.94
N LEU B 24 3.30 17.48 14.67
CA LEU B 24 3.03 18.29 13.47
C LEU B 24 1.62 18.77 13.58
N ILE B 25 0.74 17.81 13.81
CA ILE B 25 -0.69 18.04 13.88
C ILE B 25 -1.07 19.09 14.91
N ASP B 26 -0.38 19.05 16.04
CA ASP B 26 -0.63 19.99 17.11
C ASP B 26 -0.27 21.37 16.61
N LEU B 27 0.85 21.42 15.86
CA LEU B 27 1.34 22.67 15.28
C LEU B 27 0.35 23.24 14.27
N PHE B 28 -0.09 22.37 13.38
CA PHE B 28 -1.06 22.73 12.38
C PHE B 28 -2.34 23.29 13.00
N ASN B 29 -2.96 22.52 13.87
CA ASN B 29 -4.16 22.91 14.58
C ASN B 29 -4.02 24.29 15.21
N SER B 30 -2.79 24.65 15.57
CA SER B 30 -2.48 25.88 16.26
C SER B 30 -2.36 27.08 15.35
N THR B 31 -2.37 26.78 14.07
CA THR B 31 -2.15 27.80 13.07
C THR B 31 -3.37 28.57 12.64
N SER B 32 -3.23 29.87 12.61
CA SER B 32 -4.32 30.69 12.18
C SER B 32 -4.13 30.96 10.72
N ILE B 33 -5.09 30.53 9.93
CA ILE B 33 -4.98 30.78 8.53
C ILE B 33 -6.14 31.64 8.04
N ASN B 34 -5.84 32.91 7.82
CA ASN B 34 -6.88 33.87 7.54
C ASN B 34 -7.26 34.09 6.08
N HIS B 35 -6.55 33.43 5.16
CA HIS B 35 -6.88 33.53 3.75
C HIS B 35 -7.53 32.27 3.28
N ASP B 36 -8.13 32.33 2.08
CA ASP B 36 -8.77 31.18 1.48
C ASP B 36 -7.76 30.29 0.80
N VAL B 37 -7.53 29.17 1.47
CA VAL B 37 -6.62 28.14 1.07
C VAL B 37 -7.09 26.78 1.53
N GLN B 38 -7.02 25.81 0.65
CA GLN B 38 -7.37 24.50 1.12
C GLN B 38 -6.09 23.77 1.48
N CYS B 39 -5.85 23.46 2.79
CA CYS B 39 -4.74 22.63 3.19
C CYS B 39 -5.07 21.15 3.09
N VAL B 40 -4.08 20.36 2.67
CA VAL B 40 -4.26 18.93 2.49
C VAL B 40 -3.16 18.18 3.23
N VAL B 41 -3.50 17.14 4.02
CA VAL B 41 -2.46 16.32 4.64
C VAL B 41 -2.57 14.88 4.15
N ALA B 42 -1.59 14.42 3.36
CA ALA B 42 -1.62 13.06 2.86
C ALA B 42 -0.62 12.16 3.59
N SER B 43 -1.15 11.29 4.45
CA SER B 43 -0.32 10.45 5.29
C SER B 43 -0.39 9.01 4.84
N THR B 44 0.43 8.18 5.48
CA THR B 44 0.35 6.74 5.20
C THR B 44 -1.03 6.18 5.56
N PHE B 45 -1.41 5.12 4.88
CA PHE B 45 -2.63 4.39 5.20
C PHE B 45 -2.73 4.10 6.71
N VAL B 46 -1.62 3.69 7.26
CA VAL B 46 -1.59 3.32 8.64
C VAL B 46 -1.99 4.50 9.54
N HIS B 47 -1.62 5.71 9.14
CA HIS B 47 -1.76 6.85 10.02
C HIS B 47 -3.04 7.63 9.81
N LEU B 48 -3.89 7.10 8.94
CA LEU B 48 -5.08 7.83 8.59
C LEU B 48 -6.01 8.00 9.80
N ALA B 49 -6.10 6.93 10.60
CA ALA B 49 -6.91 6.99 11.82
C ALA B 49 -6.44 8.07 12.77
N MET B 50 -5.17 8.00 13.13
CA MET B 50 -4.56 8.99 13.96
C MET B 50 -4.82 10.40 13.51
N THR B 51 -4.73 10.57 12.20
CA THR B 51 -4.78 11.90 11.56
C THR B 51 -6.16 12.55 11.56
N LYS B 52 -7.11 11.72 11.16
CA LYS B 52 -8.52 12.03 11.10
C LYS B 52 -9.11 12.26 12.48
N GLU B 53 -8.48 11.67 13.48
CA GLU B 53 -8.93 11.87 14.82
C GLU B 53 -8.25 13.08 15.42
N ARG B 54 -7.01 13.33 15.06
CA ARG B 54 -6.33 14.42 15.72
C ARG B 54 -6.36 15.77 14.98
N LEU B 55 -6.41 15.78 13.63
CA LEU B 55 -6.42 17.03 12.87
C LEU B 55 -7.72 17.76 13.10
N SER B 56 -7.73 18.99 13.62
CA SER B 56 -9.02 19.64 13.93
C SER B 56 -9.33 20.96 13.19
N HIS B 57 -8.25 21.61 12.79
CA HIS B 57 -8.28 22.77 11.88
C HIS B 57 -9.24 22.56 10.73
N PRO B 58 -10.09 23.56 10.58
CA PRO B 58 -11.14 23.55 9.60
C PRO B 58 -10.60 23.72 8.20
N LYS B 59 -9.40 24.28 8.08
CA LYS B 59 -8.86 24.48 6.74
C LYS B 59 -8.09 23.30 6.14
N PHE B 60 -7.99 22.20 6.89
CA PHE B 60 -7.23 21.02 6.49
C PHE B 60 -8.15 19.87 6.22
N VAL B 61 -7.87 19.15 5.13
CA VAL B 61 -8.44 17.85 4.86
C VAL B 61 -7.36 16.76 4.89
N ILE B 62 -7.77 15.51 4.97
CA ILE B 62 -6.84 14.40 4.87
C ILE B 62 -6.99 13.74 3.52
N ALA B 63 -5.87 13.22 3.00
CA ALA B 63 -5.87 12.50 1.76
C ALA B 63 -5.07 11.22 1.93
N ALA B 64 -5.35 10.26 1.06
CA ALA B 64 -4.58 9.04 0.93
C ALA B 64 -3.52 9.27 -0.16
N GLN B 65 -2.47 8.49 -0.14
CA GLN B 65 -1.39 8.73 -1.06
C GLN B 65 -1.48 7.84 -2.26
N ASN B 66 -2.44 6.89 -2.26
CA ASN B 66 -2.62 5.99 -3.37
C ASN B 66 -3.86 5.12 -3.14
N ALA B 67 -4.25 4.28 -4.15
CA ALA B 67 -5.37 3.35 -3.98
C ALA B 67 -5.58 2.59 -5.25
N ILE B 68 -6.29 1.51 -5.20
CA ILE B 68 -6.63 0.80 -6.41
C ILE B 68 -8.11 0.96 -6.56
N ALA B 69 -8.61 0.65 -7.70
CA ALA B 69 -9.97 1.01 -7.96
C ALA B 69 -11.04 0.22 -7.23
N LYS B 70 -10.87 -1.07 -7.20
CA LYS B 70 -11.90 -1.90 -6.62
C LYS B 70 -11.34 -2.78 -5.52
N SER B 71 -12.24 -3.20 -4.66
CA SER B 71 -11.92 -4.15 -3.62
C SER B 71 -11.87 -5.57 -4.19
N GLY B 72 -11.02 -6.38 -3.57
CA GLY B 72 -10.87 -7.74 -4.03
C GLY B 72 -9.57 -8.44 -3.58
N ALA B 73 -9.26 -9.42 -4.37
CA ALA B 73 -8.11 -10.19 -4.07
C ALA B 73 -6.87 -9.51 -4.54
N PHE B 74 -6.49 -8.44 -3.84
CA PHE B 74 -5.27 -7.65 -4.08
C PHE B 74 -4.50 -7.41 -2.78
N THR B 75 -3.84 -8.49 -2.30
CA THR B 75 -3.10 -8.48 -1.03
C THR B 75 -2.13 -7.33 -0.91
N GLY B 76 -2.27 -6.53 0.16
CA GLY B 76 -1.40 -5.40 0.40
C GLY B 76 -1.91 -4.07 -0.11
N GLU B 77 -2.90 -4.12 -1.00
CA GLU B 77 -3.46 -2.89 -1.61
C GLU B 77 -4.67 -2.33 -0.83
N VAL B 78 -4.97 -1.04 -1.03
CA VAL B 78 -6.17 -0.39 -0.42
C VAL B 78 -7.08 0.16 -1.54
N SER B 79 -8.35 -0.20 -1.49
CA SER B 79 -9.30 0.27 -2.49
C SER B 79 -9.95 1.61 -2.14
N LEU B 80 -10.49 2.20 -3.21
CA LEU B 80 -11.33 3.37 -3.08
C LEU B 80 -12.56 3.15 -2.15
N PRO B 81 -13.29 2.03 -2.31
CA PRO B 81 -14.43 1.80 -1.44
C PRO B 81 -14.05 1.80 0.03
N ILE B 82 -12.96 1.10 0.36
CA ILE B 82 -12.43 1.09 1.70
C ILE B 82 -12.15 2.50 2.18
N LEU B 83 -11.46 3.27 1.33
CA LEU B 83 -11.14 4.64 1.72
C LEU B 83 -12.38 5.50 1.97
N LYS B 84 -13.29 5.40 1.02
CA LYS B 84 -14.48 6.17 1.03
C LYS B 84 -15.21 5.85 2.33
N ASP B 85 -15.35 4.53 2.63
CA ASP B 85 -15.94 4.01 3.88
C ASP B 85 -15.27 4.58 5.15
N PHE B 86 -13.99 4.79 5.07
CA PHE B 86 -13.29 5.35 6.17
C PHE B 86 -13.47 6.83 6.19
N GLY B 87 -14.09 7.45 5.22
CA GLY B 87 -14.21 8.92 5.37
C GLY B 87 -13.06 9.73 4.79
N VAL B 88 -12.42 9.16 3.76
CA VAL B 88 -11.36 9.85 3.06
C VAL B 88 -11.87 10.23 1.70
N ASN B 89 -11.72 11.51 1.37
CA ASN B 89 -12.32 12.09 0.20
C ASN B 89 -11.32 12.73 -0.72
N TRP B 90 -10.09 12.84 -0.26
CA TRP B 90 -9.04 13.30 -1.13
C TRP B 90 -8.01 12.20 -1.32
N ILE B 91 -7.32 12.27 -2.46
CA ILE B 91 -6.38 11.26 -2.85
C ILE B 91 -5.41 11.80 -3.91
N VAL B 92 -4.16 11.35 -3.75
CA VAL B 92 -3.01 11.70 -4.55
C VAL B 92 -2.81 10.55 -5.51
N LEU B 93 -2.85 10.79 -6.80
CA LEU B 93 -2.68 9.70 -7.74
C LEU B 93 -1.58 9.99 -8.79
N GLY B 94 -0.90 8.93 -9.25
CA GLY B 94 0.17 8.93 -10.25
C GLY B 94 1.50 9.63 -9.85
N HIS B 95 1.83 9.63 -8.57
CA HIS B 95 3.04 10.25 -8.07
C HIS B 95 4.23 9.66 -8.80
N SER B 96 5.26 10.47 -9.06
CA SER B 96 6.45 9.95 -9.79
C SER B 96 7.03 8.68 -9.23
N GLU B 97 6.99 8.58 -7.91
CA GLU B 97 7.51 7.42 -7.26
C GLU B 97 6.80 6.14 -7.62
N ARG B 98 5.48 6.23 -7.85
CA ARG B 98 4.73 5.03 -8.23
C ARG B 98 4.91 4.62 -9.70
N ARG B 99 5.09 5.66 -10.55
CA ARG B 99 5.34 5.47 -11.97
C ARG B 99 6.74 4.93 -12.20
N ALA B 100 7.68 5.50 -11.49
CA ALA B 100 9.06 5.06 -11.55
C ALA B 100 9.26 3.64 -11.03
N TYR B 101 8.85 3.39 -9.81
CA TYR B 101 9.12 2.14 -9.15
C TYR B 101 8.04 1.09 -9.19
N TYR B 102 6.79 1.50 -9.19
CA TYR B 102 5.77 0.49 -9.05
C TYR B 102 4.89 0.24 -10.25
N GLY B 103 5.46 0.49 -11.39
CA GLY B 103 4.82 0.21 -12.66
C GLY B 103 3.56 1.02 -13.02
N GLU B 104 3.45 2.27 -12.59
CA GLU B 104 2.26 3.05 -12.97
C GLU B 104 2.37 3.82 -14.30
N THR B 105 1.76 3.25 -15.32
CA THR B 105 1.69 3.89 -16.61
C THR B 105 0.61 4.97 -16.72
N ASN B 106 0.74 5.79 -17.75
CA ASN B 106 -0.27 6.80 -18.05
C ASN B 106 -1.66 6.21 -18.08
N GLU B 107 -1.72 4.97 -18.56
CA GLU B 107 -3.02 4.33 -18.68
C GLU B 107 -3.55 3.96 -17.33
N ILE B 108 -2.65 3.37 -16.53
CA ILE B 108 -2.90 3.00 -15.15
C ILE B 108 -3.31 4.23 -14.29
N VAL B 109 -2.55 5.33 -14.38
CA VAL B 109 -2.93 6.57 -13.70
C VAL B 109 -4.33 7.08 -14.12
N ALA B 110 -4.57 7.15 -15.43
CA ALA B 110 -5.86 7.57 -16.00
C ALA B 110 -7.03 6.78 -15.41
N ASP B 111 -6.90 5.45 -15.46
CA ASP B 111 -7.89 4.57 -14.88
C ASP B 111 -8.20 4.90 -13.43
N LYS B 112 -7.14 5.00 -12.64
CA LYS B 112 -7.28 5.30 -11.23
C LYS B 112 -8.03 6.63 -10.96
N VAL B 113 -7.62 7.66 -11.71
CA VAL B 113 -8.19 8.99 -11.64
C VAL B 113 -9.70 8.97 -11.96
N ALA B 114 -10.04 8.39 -13.12
CA ALA B 114 -11.41 8.22 -13.58
C ALA B 114 -12.26 7.57 -12.48
N ALA B 115 -11.74 6.47 -11.90
CA ALA B 115 -12.47 5.70 -10.86
C ALA B 115 -12.77 6.50 -9.63
N ALA B 116 -11.75 7.28 -9.23
CA ALA B 116 -11.78 8.18 -8.09
C ALA B 116 -12.74 9.33 -8.27
N VAL B 117 -12.70 9.92 -9.45
CA VAL B 117 -13.70 10.90 -9.78
C VAL B 117 -15.09 10.30 -9.78
N ALA B 118 -15.25 9.07 -10.28
CA ALA B 118 -16.56 8.41 -10.17
C ALA B 118 -17.05 8.10 -8.73
N SER B 119 -16.12 7.84 -7.81
CA SER B 119 -16.45 7.47 -6.43
C SER B 119 -16.54 8.70 -5.60
N GLY B 120 -16.55 9.84 -6.28
CA GLY B 120 -16.68 11.11 -5.62
C GLY B 120 -15.44 11.66 -4.93
N PHE B 121 -14.24 11.20 -5.24
CA PHE B 121 -13.13 11.85 -4.57
C PHE B 121 -12.65 13.09 -5.32
N MET B 122 -11.91 13.91 -4.57
CA MET B 122 -11.07 15.00 -5.03
C MET B 122 -9.70 14.40 -5.30
N VAL B 123 -9.23 14.47 -6.54
CA VAL B 123 -7.97 13.88 -6.91
C VAL B 123 -6.88 14.86 -7.24
N ILE B 124 -5.67 14.62 -6.70
CA ILE B 124 -4.46 15.39 -7.06
C ILE B 124 -3.65 14.49 -8.01
N ALA B 125 -3.82 14.70 -9.30
CA ALA B 125 -3.19 13.88 -10.33
C ALA B 125 -1.80 14.44 -10.69
N CYS B 126 -0.77 13.60 -10.55
CA CYS B 126 0.60 14.06 -10.75
C CYS B 126 1.09 13.76 -12.13
N ILE B 127 1.85 14.73 -12.62
CA ILE B 127 2.47 14.61 -13.93
C ILE B 127 3.82 15.33 -13.85
N GLY B 128 4.78 14.86 -14.66
CA GLY B 128 6.08 15.52 -14.70
C GLY B 128 7.04 14.73 -15.58
N GLU B 129 8.08 15.42 -16.05
CA GLU B 129 9.11 14.85 -16.91
C GLU B 129 10.40 14.52 -16.14
N THR B 130 11.12 13.48 -16.58
CA THR B 130 12.38 13.09 -15.92
C THR B 130 13.53 14.00 -16.35
N LEU B 131 14.72 13.87 -15.72
CA LEU B 131 15.89 14.66 -16.08
C LEU B 131 16.20 14.44 -17.54
N GLN B 132 16.21 13.15 -17.87
CA GLN B 132 16.50 12.67 -19.20
C GLN B 132 15.67 13.39 -20.25
N GLU B 133 14.38 13.34 -20.05
CA GLU B 133 13.43 13.96 -20.92
C GLU B 133 13.61 15.47 -21.04
N ARG B 134 13.87 16.13 -19.91
CA ARG B 134 14.08 17.57 -19.91
C ARG B 134 15.30 17.99 -20.76
N GLU B 135 16.36 17.21 -20.65
CA GLU B 135 17.60 17.47 -21.34
C GLU B 135 17.50 17.30 -22.85
N SER B 136 16.69 16.31 -23.26
CA SER B 136 16.39 16.01 -24.66
C SER B 136 15.51 17.07 -25.32
N GLY B 137 14.91 17.94 -24.52
CA GLY B 137 13.96 18.90 -25.07
C GLY B 137 12.56 18.31 -25.33
N ARG B 138 12.22 17.19 -24.63
CA ARG B 138 10.95 16.48 -24.72
C ARG B 138 9.84 16.91 -23.67
N THR B 139 10.13 17.90 -22.80
CA THR B 139 9.20 18.34 -21.76
C THR B 139 7.76 18.54 -22.21
N ALA B 140 7.57 19.34 -23.24
CA ALA B 140 6.22 19.53 -23.78
C ALA B 140 5.50 18.25 -24.21
N VAL B 141 6.22 17.31 -24.76
CA VAL B 141 5.56 16.11 -25.23
C VAL B 141 5.15 15.26 -24.09
N VAL B 142 6.07 15.19 -23.14
CA VAL B 142 5.83 14.37 -21.98
C VAL B 142 4.67 14.86 -21.15
N VAL B 143 4.70 16.16 -20.87
CA VAL B 143 3.67 16.66 -20.01
C VAL B 143 2.28 16.54 -20.62
N LEU B 144 2.19 16.92 -21.89
CA LEU B 144 0.91 16.88 -22.60
C LEU B 144 0.41 15.49 -22.87
N THR B 145 1.32 14.58 -23.16
CA THR B 145 0.90 13.18 -23.27
C THR B 145 0.23 12.74 -21.97
N GLN B 146 0.95 13.05 -20.88
CA GLN B 146 0.45 12.64 -19.58
C GLN B 146 -0.94 13.20 -19.30
N ILE B 147 -1.09 14.55 -19.46
CA ILE B 147 -2.36 15.18 -19.16
C ILE B 147 -3.44 14.60 -20.09
N ALA B 148 -3.06 14.39 -21.35
CA ALA B 148 -3.99 13.73 -22.26
C ALA B 148 -4.52 12.34 -21.85
N ALA B 149 -3.66 11.50 -21.31
CA ALA B 149 -4.11 10.15 -20.97
C ALA B 149 -5.27 10.15 -19.98
N ILE B 150 -5.15 11.11 -19.04
CA ILE B 150 -6.08 11.39 -17.97
C ILE B 150 -7.38 11.94 -18.53
N ALA B 151 -7.23 12.94 -19.35
CA ALA B 151 -8.36 13.56 -19.98
C ALA B 151 -9.23 12.58 -20.73
N LYS B 152 -8.61 11.58 -21.34
CA LYS B 152 -9.37 10.60 -22.09
C LYS B 152 -10.55 9.98 -21.33
N LYS B 153 -10.31 9.72 -20.08
CA LYS B 153 -11.25 8.97 -19.26
C LYS B 153 -12.30 9.82 -18.53
N LEU B 154 -12.05 11.13 -18.55
CA LEU B 154 -12.90 12.14 -17.89
C LEU B 154 -13.95 12.76 -18.79
N LYS B 155 -15.00 13.25 -18.13
CA LYS B 155 -16.01 14.02 -18.79
C LYS B 155 -15.86 15.43 -18.24
N LYS B 156 -16.36 16.40 -18.98
CA LYS B 156 -16.17 17.79 -18.60
C LYS B 156 -16.49 18.09 -17.12
N ALA B 157 -17.64 17.60 -16.67
CA ALA B 157 -18.04 17.81 -15.29
C ALA B 157 -17.00 17.30 -14.31
N ASP B 158 -16.40 16.16 -14.64
CA ASP B 158 -15.45 15.56 -13.77
C ASP B 158 -14.34 16.53 -13.30
N TRP B 159 -13.99 17.45 -14.16
CA TRP B 159 -12.84 18.31 -13.94
C TRP B 159 -12.95 19.16 -12.69
N ALA B 160 -14.17 19.27 -12.22
CA ALA B 160 -14.33 20.10 -11.06
C ALA B 160 -13.68 19.48 -9.85
N LYS B 161 -13.52 18.14 -9.90
CA LYS B 161 -12.92 17.32 -8.85
C LYS B 161 -11.43 17.11 -9.05
N VAL B 162 -10.88 17.46 -10.22
CA VAL B 162 -9.42 17.32 -10.45
C VAL B 162 -8.53 18.51 -10.07
N VAL B 163 -7.34 18.18 -9.60
CA VAL B 163 -6.24 19.08 -9.31
C VAL B 163 -5.01 18.49 -10.03
N ILE B 164 -4.24 19.34 -10.68
CA ILE B 164 -3.10 18.85 -11.40
C ILE B 164 -1.83 19.26 -10.67
N ALA B 165 -0.97 18.27 -10.41
CA ALA B 165 0.29 18.58 -9.74
C ALA B 165 1.45 18.38 -10.72
N TYR B 166 2.24 19.44 -10.94
CA TYR B 166 3.31 19.41 -11.92
C TYR B 166 4.59 19.27 -11.15
N GLU B 167 5.15 18.11 -11.25
CA GLU B 167 6.28 17.85 -10.39
C GLU B 167 7.41 17.26 -11.20
N PRO B 168 8.24 18.13 -11.75
CA PRO B 168 9.42 17.73 -12.52
C PRO B 168 10.26 16.74 -11.75
N VAL B 169 10.42 15.51 -12.25
CA VAL B 169 11.14 14.49 -11.52
C VAL B 169 12.50 14.91 -10.99
N TRP B 170 13.21 15.72 -11.73
CA TRP B 170 14.51 16.21 -11.32
C TRP B 170 14.49 17.16 -10.14
N ALA B 171 13.32 17.67 -9.81
CA ALA B 171 13.28 18.53 -8.65
C ALA B 171 12.80 17.81 -7.37
N ILE B 172 12.32 16.57 -7.53
CA ILE B 172 11.85 15.78 -6.41
C ILE B 172 12.94 15.37 -5.41
N GLY B 173 12.94 16.10 -4.26
CA GLY B 173 13.81 15.92 -3.11
C GLY B 173 15.31 15.97 -3.44
N THR B 174 15.71 16.92 -4.27
CA THR B 174 17.07 16.99 -4.79
C THR B 174 17.73 18.27 -4.40
N GLY B 175 16.87 19.24 -4.15
CA GLY B 175 17.27 20.61 -3.88
C GLY B 175 17.22 21.41 -5.19
N LYS B 176 16.91 20.69 -6.28
CA LYS B 176 16.87 21.34 -7.58
C LYS B 176 15.50 21.93 -7.95
N VAL B 177 15.13 23.00 -7.28
CA VAL B 177 13.86 23.62 -7.62
C VAL B 177 13.88 24.19 -9.04
N ALA B 178 12.79 23.96 -9.76
CA ALA B 178 12.53 24.72 -10.98
C ALA B 178 12.63 26.22 -10.68
N THR B 179 13.17 27.01 -11.60
CA THR B 179 13.11 28.45 -11.38
C THR B 179 11.63 28.84 -11.61
N PRO B 180 11.23 29.97 -11.09
CA PRO B 180 9.86 30.43 -11.31
C PRO B 180 9.46 30.51 -12.78
N GLN B 181 10.45 30.69 -13.64
CA GLN B 181 10.18 30.69 -15.07
C GLN B 181 9.98 29.29 -15.59
N GLN B 182 10.76 28.35 -15.11
CA GLN B 182 10.58 27.00 -15.56
C GLN B 182 9.18 26.53 -15.13
N ALA B 183 8.83 26.91 -13.91
CA ALA B 183 7.57 26.47 -13.36
C ALA B 183 6.38 27.02 -14.13
N GLN B 184 6.40 28.37 -14.24
CA GLN B 184 5.39 29.13 -14.93
C GLN B 184 5.24 28.75 -16.41
N GLU B 185 6.34 28.36 -17.08
CA GLU B 185 6.20 27.88 -18.43
C GLU B 185 5.51 26.53 -18.57
N ALA B 186 5.81 25.60 -17.63
CA ALA B 186 5.18 24.29 -17.59
C ALA B 186 3.67 24.43 -17.29
N HIS B 187 3.39 25.17 -16.21
CA HIS B 187 2.01 25.42 -15.84
C HIS B 187 1.15 26.05 -16.93
N ALA B 188 1.72 27.04 -17.62
CA ALA B 188 1.01 27.71 -18.70
C ALA B 188 0.73 26.76 -19.86
N LEU B 189 1.71 25.96 -20.14
CA LEU B 189 1.57 24.98 -21.18
C LEU B 189 0.43 24.01 -20.86
N ILE B 190 0.35 23.64 -19.60
CA ILE B 190 -0.72 22.71 -19.21
C ILE B 190 -2.12 23.32 -19.38
N ARG B 191 -2.22 24.56 -18.94
CA ARG B 191 -3.48 25.26 -18.95
C ARG B 191 -4.02 25.49 -20.35
N SER B 192 -3.08 25.88 -21.24
CA SER B 192 -3.40 26.11 -22.65
C SER B 192 -3.83 24.82 -23.32
N TRP B 193 -3.31 23.70 -22.84
CA TRP B 193 -3.86 22.50 -23.38
C TRP B 193 -5.31 22.37 -22.87
N VAL B 194 -5.50 22.59 -21.57
CA VAL B 194 -6.81 22.43 -20.98
C VAL B 194 -7.93 23.25 -21.65
N SER B 195 -7.70 24.57 -21.77
CA SER B 195 -8.62 25.47 -22.49
C SER B 195 -8.91 25.00 -23.90
N SER B 196 -7.88 24.80 -24.70
CA SER B 196 -8.05 24.26 -26.05
C SER B 196 -8.91 23.03 -26.13
N LYS B 197 -8.66 22.07 -25.28
CA LYS B 197 -9.31 20.79 -25.47
C LYS B 197 -10.61 20.62 -24.70
N ILE B 198 -10.67 21.25 -23.54
CA ILE B 198 -11.77 21.02 -22.67
C ILE B 198 -12.68 22.23 -22.63
N GLY B 199 -12.09 23.38 -22.32
CA GLY B 199 -12.84 24.62 -22.26
C GLY B 199 -12.12 25.63 -21.42
N ALA B 200 -12.28 26.92 -21.77
CA ALA B 200 -11.66 28.05 -21.09
C ALA B 200 -12.13 28.26 -19.65
N ASP B 201 -13.38 27.92 -19.46
CA ASP B 201 -14.07 28.04 -18.19
C ASP B 201 -13.45 27.09 -17.17
N VAL B 202 -13.25 25.86 -17.67
CA VAL B 202 -12.59 24.77 -16.98
C VAL B 202 -11.15 25.17 -16.60
N ALA B 203 -10.43 25.62 -17.60
CA ALA B 203 -9.06 26.06 -17.45
C ALA B 203 -8.89 27.16 -16.40
N GLY B 204 -9.84 28.08 -16.38
CA GLY B 204 -9.65 29.21 -15.48
C GLY B 204 -9.92 28.76 -14.07
N GLU B 205 -10.55 27.58 -13.99
CA GLU B 205 -10.84 27.08 -12.66
C GLU B 205 -9.80 26.07 -12.13
N LEU B 206 -9.14 25.37 -13.03
CA LEU B 206 -8.24 24.29 -12.66
C LEU B 206 -7.11 24.68 -11.75
N ARG B 207 -6.87 23.97 -10.66
CA ARG B 207 -5.72 24.30 -9.82
C ARG B 207 -4.56 23.42 -10.32
N ILE B 208 -3.45 24.10 -10.63
CA ILE B 208 -2.17 23.52 -11.04
C ILE B 208 -1.14 23.81 -9.98
N LEU B 209 -0.61 22.74 -9.34
CA LEU B 209 0.34 22.90 -8.25
C LEU B 209 1.75 22.60 -8.70
N TYR B 210 2.64 23.28 -8.03
CA TYR B 210 4.02 23.00 -8.26
C TYR B 210 4.54 22.09 -7.16
N GLY B 211 5.36 21.15 -7.57
CA GLY B 211 5.95 20.25 -6.60
C GLY B 211 7.39 19.94 -6.95
N GLY B 212 8.26 20.17 -5.95
CA GLY B 212 9.65 19.85 -6.18
C GLY B 212 10.64 20.72 -5.43
N SER B 213 11.09 20.21 -4.29
CA SER B 213 12.03 20.94 -3.46
C SER B 213 11.55 22.35 -3.07
N VAL B 214 10.22 22.45 -2.82
CA VAL B 214 9.59 23.69 -2.38
C VAL B 214 9.84 23.83 -0.90
N ASN B 215 10.12 25.04 -0.45
CA ASN B 215 10.42 25.30 0.93
C ASN B 215 9.89 26.64 1.33
N GLY B 216 10.08 26.93 2.60
CA GLY B 216 9.55 28.16 3.14
C GLY B 216 10.03 29.41 2.40
N LYS B 217 11.31 29.41 2.01
CA LYS B 217 12.00 30.55 1.40
C LYS B 217 11.64 30.84 -0.07
N ASN B 218 11.69 29.79 -0.87
CA ASN B 218 11.38 29.87 -2.30
C ASN B 218 9.88 29.89 -2.68
N ALA B 219 9.01 29.58 -1.74
CA ALA B 219 7.62 29.41 -2.07
C ALA B 219 6.86 30.66 -2.45
N ARG B 220 7.29 31.78 -1.92
CA ARG B 220 6.64 33.05 -2.17
C ARG B 220 6.77 33.46 -3.66
N THR B 221 7.98 33.39 -4.17
CA THR B 221 8.23 33.70 -5.55
C THR B 221 7.49 32.79 -6.51
N LEU B 222 7.56 31.49 -6.23
CA LEU B 222 6.89 30.50 -7.04
C LEU B 222 5.40 30.85 -7.13
N TYR B 223 4.84 31.23 -5.99
CA TYR B 223 3.43 31.53 -5.92
C TYR B 223 3.00 32.76 -6.71
N GLN B 224 3.91 33.75 -6.79
CA GLN B 224 3.62 34.96 -7.53
C GLN B 224 3.25 34.74 -8.99
N GLN B 225 3.74 33.63 -9.55
CA GLN B 225 3.54 33.21 -10.94
C GLN B 225 2.08 32.96 -11.30
N ARG B 226 1.67 33.43 -12.49
CA ARG B 226 0.27 33.36 -12.91
C ARG B 226 -0.33 31.96 -12.79
N ASP B 227 0.33 30.98 -13.35
CA ASP B 227 -0.32 29.73 -13.48
C ASP B 227 -0.13 28.75 -12.36
N VAL B 228 0.47 29.29 -11.26
CA VAL B 228 0.86 28.54 -10.04
C VAL B 228 -0.16 28.78 -8.95
N ASN B 229 -0.93 27.74 -8.64
CA ASN B 229 -2.03 27.77 -7.69
C ASN B 229 -1.73 27.09 -6.39
N GLY B 230 -0.48 26.83 -6.10
CA GLY B 230 -0.16 26.16 -4.86
C GLY B 230 0.90 25.09 -5.02
N PHE B 231 1.03 24.33 -3.93
CA PHE B 231 2.07 23.36 -3.85
C PHE B 231 1.71 22.03 -3.24
N LEU B 232 2.42 21.04 -3.79
CA LEU B 232 2.53 19.66 -3.33
C LEU B 232 3.88 19.58 -2.67
N VAL B 233 3.93 19.53 -1.35
CA VAL B 233 5.19 19.59 -0.62
C VAL B 233 5.61 18.28 -0.01
N GLY B 234 6.82 17.84 -0.33
CA GLY B 234 7.32 16.57 0.22
C GLY B 234 8.09 16.72 1.55
N GLY B 235 9.41 16.74 1.45
CA GLY B 235 10.27 16.90 2.64
C GLY B 235 9.93 18.02 3.67
N ALA B 236 9.41 19.15 3.24
CA ALA B 236 9.23 20.26 4.15
C ALA B 236 7.91 20.19 4.86
N SER B 237 7.11 19.20 4.47
CA SER B 237 5.81 18.95 5.07
C SER B 237 5.92 18.21 6.42
N LEU B 238 7.16 17.75 6.70
CA LEU B 238 7.60 17.02 7.90
C LEU B 238 8.19 17.98 8.94
N LYS B 239 8.26 19.28 8.59
CA LYS B 239 8.79 20.34 9.43
C LYS B 239 7.79 21.50 9.60
N PRO B 240 8.02 22.40 10.57
CA PRO B 240 7.13 23.54 10.83
C PRO B 240 7.13 24.51 9.66
N GLU B 241 8.19 24.40 8.90
CA GLU B 241 8.36 25.19 7.70
C GLU B 241 7.16 25.10 6.78
N PHE B 242 6.43 23.98 6.80
CA PHE B 242 5.28 23.85 5.95
C PHE B 242 4.33 25.03 6.18
N VAL B 243 4.43 25.61 7.35
CA VAL B 243 3.54 26.69 7.70
C VAL B 243 3.77 27.94 6.90
N ASP B 244 5.07 28.23 6.72
CA ASP B 244 5.54 29.30 5.87
C ASP B 244 5.06 29.08 4.45
N ILE B 245 5.14 27.82 4.03
CA ILE B 245 4.62 27.46 2.74
C ILE B 245 3.14 27.86 2.60
N ILE B 246 2.34 27.49 3.63
CA ILE B 246 0.91 27.79 3.64
C ILE B 246 0.69 29.28 3.42
N LYS B 247 1.40 30.02 4.25
CA LYS B 247 1.35 31.45 4.21
C LYS B 247 1.78 32.08 2.90
N ALA B 248 2.34 31.27 2.05
CA ALA B 248 2.85 31.84 0.84
C ALA B 248 1.80 31.97 -0.25
N THR B 249 0.64 31.38 0.00
CA THR B 249 -0.41 31.35 -0.99
C THR B 249 -1.47 32.43 -0.83
N GLN B 250 -2.38 32.45 -1.84
CA GLN B 250 -3.57 33.31 -2.04
C GLN B 250 -3.96 33.62 -3.51
#